data_4WFC
#
_entry.id   4WFC
#
_cell.length_a   98.397
_cell.length_b   98.397
_cell.length_c   208.018
_cell.angle_alpha   90.000
_cell.angle_beta   90.000
_cell.angle_gamma   90.000
#
_symmetry.space_group_name_H-M   'P 41 2 2'
#
loop_
_entity.id
_entity.type
_entity.pdbx_description
1 polymer 'Exosome complex exonuclease RRP6'
2 polymer 'Exosome complex protein LRP1'
3 non-polymer 'SULFATE ION'
4 water water
#
loop_
_entity_poly.entity_id
_entity_poly.type
_entity_poly.pdbx_seq_one_letter_code
_entity_poly.pdbx_strand_id
1 'polypeptide(L)'
;GPDSMTSENPDVLLSRVINVVRAASSLASQDVDFYKNLDRGFSKDLKSKADKLADMANEIILSIDEHHESFELKEEDISD
LWNNFGNIMDNLLEMSDHSLDKLNCAINSKSRGSD
;
A,C,E
2 'polypeptide(L)'
;MEDIEKIKPYVRSFSKALDELKPEIEKLTSKSLDEQLLLLSDERAKLELINRYAYVLSSLMFANMKVLGVKDMSPILGEL
KRVKSYMDKAKQYDNRITKSNEKSQAEQEKAKNIISNVLDGNKNQFEPSISRS
;
B,D,F
#
loop_
_chem_comp.id
_chem_comp.type
_chem_comp.name
_chem_comp.formula
SO4 non-polymer 'SULFATE ION' 'O4 S -2'
#
# COMPACT_ATOMS: atom_id res chain seq x y z
N SER A 7 1.58 -27.03 -9.26
CA SER A 7 1.03 -26.21 -10.34
C SER A 7 2.08 -26.01 -11.43
N GLU A 8 1.70 -26.30 -12.67
CA GLU A 8 2.61 -26.15 -13.80
C GLU A 8 2.29 -24.91 -14.62
N ASN A 9 1.95 -23.83 -13.93
CA ASN A 9 1.73 -22.53 -14.56
C ASN A 9 3.08 -21.81 -14.75
N PRO A 10 3.49 -21.57 -16.01
CA PRO A 10 4.81 -21.02 -16.33
C PRO A 10 4.99 -19.57 -15.86
N ASP A 11 3.90 -18.95 -15.43
CA ASP A 11 3.96 -17.68 -14.70
C ASP A 11 4.06 -17.99 -13.21
N VAL A 12 5.17 -17.60 -12.61
CA VAL A 12 5.48 -18.00 -11.25
C VAL A 12 4.52 -17.46 -10.19
N LEU A 13 4.15 -16.18 -10.29
CA LEU A 13 3.21 -15.60 -9.32
C LEU A 13 1.84 -16.29 -9.35
N LEU A 14 1.31 -16.50 -10.54
CA LEU A 14 -0.01 -17.09 -10.70
C LEU A 14 0.03 -18.51 -10.14
N SER A 15 1.15 -19.18 -10.36
CA SER A 15 1.37 -20.52 -9.85
C SER A 15 1.33 -20.57 -8.31
N ARG A 16 1.98 -19.61 -7.67
CA ARG A 16 2.02 -19.59 -6.22
C ARG A 16 0.66 -19.25 -5.64
N VAL A 17 -0.04 -18.34 -6.32
CA VAL A 17 -1.37 -17.95 -5.89
C VAL A 17 -2.33 -19.12 -5.95
N ILE A 18 -2.34 -19.86 -7.05
CA ILE A 18 -3.23 -21.00 -7.16
C ILE A 18 -2.85 -22.10 -6.12
N ASN A 19 -1.55 -22.30 -5.88
CA ASN A 19 -1.14 -23.29 -4.85
C ASN A 19 -1.70 -22.91 -3.49
N VAL A 20 -1.63 -21.62 -3.15
CA VAL A 20 -2.21 -21.16 -1.88
C VAL A 20 -3.72 -21.32 -1.83
N VAL A 21 -4.39 -20.97 -2.91
CA VAL A 21 -5.84 -21.04 -2.94
C VAL A 21 -6.34 -22.50 -2.81
N ARG A 22 -5.72 -23.41 -3.54
CA ARG A 22 -6.11 -24.81 -3.49
C ARG A 22 -5.83 -25.44 -2.12
N ALA A 23 -4.67 -25.13 -1.55
CA ALA A 23 -4.28 -25.67 -0.26
C ALA A 23 -5.19 -25.16 0.85
N ALA A 24 -5.56 -23.88 0.77
CA ALA A 24 -6.47 -23.30 1.73
C ALA A 24 -7.83 -23.98 1.65
N SER A 25 -8.30 -24.17 0.43
CA SER A 25 -9.57 -24.84 0.21
C SER A 25 -9.58 -26.30 0.68
N SER A 26 -8.49 -27.02 0.41
CA SER A 26 -8.37 -28.42 0.80
C SER A 26 -8.40 -28.55 2.32
N LEU A 27 -7.62 -27.72 2.99
CA LEU A 27 -7.48 -27.74 4.43
C LEU A 27 -8.84 -27.47 5.07
N ALA A 28 -9.55 -26.47 4.57
CA ALA A 28 -10.84 -26.09 5.14
C ALA A 28 -11.94 -27.14 4.92
N SER A 29 -11.77 -28.01 3.91
CA SER A 29 -12.74 -29.08 3.66
C SER A 29 -12.56 -30.25 4.62
N GLN A 30 -11.39 -30.35 5.24
CA GLN A 30 -11.17 -31.34 6.28
C GLN A 30 -11.93 -30.93 7.53
N ASP A 31 -11.86 -31.76 8.57
CA ASP A 31 -12.59 -31.52 9.81
C ASP A 31 -11.78 -30.65 10.76
N VAL A 32 -11.63 -29.38 10.39
CA VAL A 32 -10.86 -28.41 11.15
C VAL A 32 -11.46 -28.11 12.53
N ASP A 33 -12.79 -28.10 12.63
CA ASP A 33 -13.48 -27.77 13.87
C ASP A 33 -13.10 -28.74 14.98
N PHE A 34 -12.96 -30.00 14.59
CA PHE A 34 -12.58 -31.07 15.49
C PHE A 34 -11.22 -30.82 16.15
N TYR A 35 -10.22 -30.44 15.36
CA TYR A 35 -8.90 -30.09 15.90
C TYR A 35 -8.93 -28.75 16.64
N LYS A 36 -9.78 -27.85 16.18
CA LYS A 36 -9.96 -26.55 16.84
C LYS A 36 -10.38 -26.73 18.30
N ASN A 37 -11.35 -27.61 18.54
CA ASN A 37 -11.83 -27.89 19.88
C ASN A 37 -10.81 -28.67 20.70
N LEU A 38 -10.14 -29.62 20.06
CA LEU A 38 -9.21 -30.51 20.75
C LEU A 38 -7.90 -29.83 21.14
N ASP A 39 -7.41 -28.93 20.30
CA ASP A 39 -6.06 -28.39 20.44
C ASP A 39 -6.03 -26.86 20.30
N ARG A 40 -5.60 -26.17 21.36
CA ARG A 40 -5.54 -24.70 21.32
C ARG A 40 -4.44 -24.22 20.37
N GLY A 41 -3.32 -24.94 20.34
CA GLY A 41 -2.18 -24.57 19.51
C GLY A 41 -2.55 -24.51 18.03
N PHE A 42 -3.30 -25.52 17.60
CA PHE A 42 -3.80 -25.61 16.23
C PHE A 42 -4.61 -24.38 15.82
N SER A 43 -5.56 -24.03 16.66
CA SER A 43 -6.47 -22.92 16.38
C SER A 43 -5.71 -21.60 16.21
N LYS A 44 -4.72 -21.38 17.08
CA LYS A 44 -3.92 -20.17 17.03
C LYS A 44 -3.03 -20.17 15.80
N ASP A 45 -2.58 -21.34 15.38
CA ASP A 45 -1.72 -21.44 14.21
C ASP A 45 -2.48 -21.09 12.93
N LEU A 46 -3.72 -21.53 12.82
CA LEU A 46 -4.54 -21.19 11.67
C LEU A 46 -4.80 -19.69 11.60
N LYS A 47 -5.10 -19.10 12.75
CA LYS A 47 -5.37 -17.66 12.82
C LYS A 47 -4.13 -16.88 12.43
N SER A 48 -2.97 -17.40 12.82
CA SER A 48 -1.72 -16.78 12.43
C SER A 48 -1.56 -16.82 10.89
N LYS A 49 -1.97 -17.91 10.26
CA LYS A 49 -1.87 -18.05 8.80
C LYS A 49 -2.90 -17.15 8.09
N ALA A 50 -4.12 -17.14 8.60
CA ALA A 50 -5.11 -16.21 8.14
C ALA A 50 -4.59 -14.77 8.21
N ASP A 51 -3.88 -14.42 9.28
CA ASP A 51 -3.38 -13.07 9.44
C ASP A 51 -2.27 -12.75 8.43
N LYS A 52 -1.51 -13.77 8.03
CA LYS A 52 -0.50 -13.61 7.00
C LYS A 52 -1.15 -13.29 5.66
N LEU A 53 -2.26 -13.96 5.39
CA LEU A 53 -3.02 -13.72 4.17
C LEU A 53 -3.56 -12.28 4.16
N ALA A 54 -4.19 -11.86 5.25
CA ALA A 54 -4.70 -10.48 5.36
C ALA A 54 -3.59 -9.43 5.21
N ASP A 55 -2.39 -9.69 5.70
CA ASP A 55 -1.30 -8.75 5.57
C ASP A 55 -0.88 -8.61 4.11
N MET A 56 -0.87 -9.72 3.39
CA MET A 56 -0.56 -9.72 1.96
C MET A 56 -1.61 -8.97 1.14
N ALA A 57 -2.88 -9.14 1.51
CA ALA A 57 -3.96 -8.41 0.89
C ALA A 57 -3.81 -6.91 1.15
N ASN A 58 -3.48 -6.55 2.38
CA ASN A 58 -3.26 -5.16 2.73
C ASN A 58 -2.05 -4.58 2.00
N GLU A 59 -1.03 -5.39 1.78
CA GLU A 59 0.12 -4.95 1.00
C GLU A 59 -0.32 -4.54 -0.40
N ILE A 60 -1.17 -5.34 -1.01
CA ILE A 60 -1.63 -5.07 -2.36
C ILE A 60 -2.54 -3.84 -2.37
N ILE A 61 -3.40 -3.73 -1.38
CA ILE A 61 -4.28 -2.59 -1.25
C ILE A 61 -3.47 -1.28 -1.14
N LEU A 62 -2.37 -1.31 -0.40
CA LEU A 62 -1.53 -0.12 -0.28
C LEU A 62 -0.80 0.22 -1.59
N SER A 63 -0.52 -0.81 -2.39
CA SER A 63 0.03 -0.64 -3.71
C SER A 63 -0.94 0.09 -4.65
N ILE A 64 -2.23 -0.09 -4.42
CA ILE A 64 -3.25 0.47 -5.28
C ILE A 64 -3.64 1.88 -4.83
N ASP A 65 -3.90 2.04 -3.52
CA ASP A 65 -4.24 3.35 -2.96
C ASP A 65 -2.99 4.00 -2.39
N GLU A 66 -2.13 4.52 -3.27
CA GLU A 66 -0.76 4.92 -2.91
C GLU A 66 -0.65 6.26 -2.15
N HIS A 67 -1.77 6.93 -1.92
CA HIS A 67 -1.71 8.16 -1.13
C HIS A 67 -1.51 7.83 0.34
N HIS A 68 -0.35 8.22 0.86
CA HIS A 68 -0.02 7.98 2.26
C HIS A 68 0.97 9.05 2.72
N GLU A 69 0.50 10.30 2.75
CA GLU A 69 1.31 11.44 3.12
C GLU A 69 1.15 11.72 4.60
N SER A 79 -14.59 -7.01 8.62
CA SER A 79 -15.48 -5.95 8.14
C SER A 79 -14.71 -4.80 7.51
N ASP A 80 -13.70 -4.31 8.22
CA ASP A 80 -12.85 -3.25 7.68
C ASP A 80 -12.11 -3.76 6.45
N LEU A 81 -11.45 -4.92 6.58
CA LEU A 81 -10.72 -5.50 5.47
C LEU A 81 -11.68 -5.87 4.35
N TRP A 82 -12.82 -6.43 4.73
CA TRP A 82 -13.81 -6.84 3.75
C TRP A 82 -14.40 -5.66 2.95
N ASN A 83 -14.76 -4.59 3.65
CA ASN A 83 -15.30 -3.42 2.99
C ASN A 83 -14.24 -2.72 2.18
N ASN A 84 -13.03 -2.68 2.72
CA ASN A 84 -11.93 -2.09 2.00
C ASN A 84 -11.70 -2.86 0.69
N PHE A 85 -11.70 -4.19 0.80
CA PHE A 85 -11.52 -5.09 -0.34
C PHE A 85 -12.60 -4.87 -1.42
N GLY A 86 -13.86 -4.72 -0.99
CA GLY A 86 -14.94 -4.51 -1.93
C GLY A 86 -14.81 -3.20 -2.67
N ASN A 87 -14.49 -2.11 -1.97
CA ASN A 87 -14.33 -0.81 -2.63
C ASN A 87 -13.14 -0.83 -3.61
N ILE A 88 -12.04 -1.44 -3.19
CA ILE A 88 -10.88 -1.57 -4.04
C ILE A 88 -11.13 -2.42 -5.30
N MET A 89 -11.91 -3.49 -5.18
CA MET A 89 -12.22 -4.31 -6.35
C MET A 89 -13.01 -3.50 -7.37
N ASP A 90 -13.97 -2.69 -6.91
CA ASP A 90 -14.70 -1.82 -7.80
C ASP A 90 -13.77 -0.84 -8.52
N ASN A 91 -12.79 -0.29 -7.80
CA ASN A 91 -11.83 0.61 -8.43
C ASN A 91 -10.96 -0.12 -9.48
N LEU A 92 -10.52 -1.33 -9.15
CA LEU A 92 -9.68 -2.09 -10.08
C LEU A 92 -10.43 -2.43 -11.37
N LEU A 93 -11.67 -2.89 -11.23
CA LEU A 93 -12.45 -3.30 -12.37
C LEU A 93 -13.02 -2.11 -13.17
N GLU A 94 -13.10 -0.93 -12.54
CA GLU A 94 -13.40 0.29 -13.28
C GLU A 94 -12.23 0.63 -14.23
N MET A 95 -11.00 0.55 -13.72
CA MET A 95 -9.81 0.71 -14.55
C MET A 95 -9.76 -0.34 -15.68
N SER A 96 -10.13 -1.56 -15.34
CA SER A 96 -10.15 -2.65 -16.31
C SER A 96 -11.15 -2.41 -17.47
N ASP A 97 -12.38 -2.04 -17.12
CA ASP A 97 -13.38 -1.69 -18.13
C ASP A 97 -12.93 -0.52 -19.02
N HIS A 98 -12.29 0.47 -18.40
CA HIS A 98 -11.80 1.65 -19.09
C HIS A 98 -10.76 1.23 -20.14
N SER A 99 -9.83 0.41 -19.72
CA SER A 99 -8.77 -0.07 -20.57
C SER A 99 -9.31 -0.92 -21.73
N LEU A 100 -10.21 -1.85 -21.44
CA LEU A 100 -10.77 -2.69 -22.48
C LEU A 100 -11.66 -1.87 -23.45
N ASP A 101 -12.38 -0.88 -22.92
CA ASP A 101 -13.21 -0.02 -23.78
C ASP A 101 -12.32 0.73 -24.78
N LYS A 102 -11.15 1.14 -24.32
CA LYS A 102 -10.20 1.82 -25.18
C LYS A 102 -9.63 0.89 -26.25
N LEU A 103 -9.33 -0.33 -25.87
CA LEU A 103 -8.84 -1.33 -26.82
C LEU A 103 -9.88 -1.63 -27.92
N ASN A 104 -11.12 -1.83 -27.51
CA ASN A 104 -12.21 -2.10 -28.41
C ASN A 104 -12.54 -0.93 -29.31
N CYS A 105 -12.47 0.27 -28.74
CA CYS A 105 -12.69 1.46 -29.51
C CYS A 105 -11.66 1.60 -30.63
N ALA A 106 -10.41 1.32 -30.30
CA ALA A 106 -9.34 1.46 -31.28
C ALA A 106 -9.52 0.42 -32.39
N ILE A 107 -9.78 -0.83 -32.04
CA ILE A 107 -9.88 -1.86 -33.05
C ILE A 107 -11.13 -1.72 -33.93
N ASN A 108 -12.24 -1.22 -33.38
CA ASN A 108 -13.46 -1.01 -34.17
C ASN A 108 -13.38 0.18 -35.12
N SER A 109 -12.55 1.16 -34.78
CA SER A 109 -12.35 2.33 -35.63
C SER A 109 -11.41 2.01 -36.77
N LYS A 110 -10.45 1.13 -36.48
CA LYS A 110 -9.45 0.69 -37.46
C LYS A 110 -10.03 0.30 -38.80
N ASP B 3 -5.72 -41.05 11.80
CA ASP B 3 -6.94 -40.28 12.02
C ASP B 3 -6.60 -38.83 12.34
N ILE B 4 -5.95 -38.63 13.48
CA ILE B 4 -5.44 -37.30 13.87
C ILE B 4 -4.35 -36.86 12.90
N GLU B 5 -3.55 -37.84 12.47
CA GLU B 5 -2.41 -37.61 11.58
C GLU B 5 -2.86 -37.22 10.17
N LYS B 6 -4.14 -37.45 9.87
CA LYS B 6 -4.72 -37.09 8.58
C LYS B 6 -4.68 -35.58 8.24
N ILE B 7 -4.98 -34.73 9.22
CA ILE B 7 -4.99 -33.28 8.99
C ILE B 7 -3.61 -32.66 8.71
N LYS B 8 -2.57 -33.24 9.28
CA LYS B 8 -1.25 -32.62 9.28
C LYS B 8 -0.66 -32.37 7.87
N PRO B 9 -0.81 -33.33 6.94
CA PRO B 9 -0.29 -33.01 5.60
C PRO B 9 -0.99 -31.81 4.94
N TYR B 10 -2.27 -31.62 5.24
CA TYR B 10 -3.02 -30.49 4.71
C TYR B 10 -2.50 -29.16 5.26
N VAL B 11 -2.21 -29.15 6.55
CA VAL B 11 -1.67 -27.96 7.18
C VAL B 11 -0.27 -27.67 6.64
N ARG B 12 0.52 -28.72 6.47
CA ARG B 12 1.88 -28.60 5.97
C ARG B 12 1.87 -28.03 4.55
N SER B 13 0.96 -28.55 3.74
CA SER B 13 0.84 -28.14 2.34
C SER B 13 0.47 -26.66 2.23
N PHE B 14 -0.48 -26.24 3.05
CA PHE B 14 -0.93 -24.88 3.08
C PHE B 14 0.20 -23.95 3.53
N SER B 15 0.88 -24.34 4.59
CA SER B 15 1.98 -23.56 5.17
C SER B 15 3.12 -23.36 4.18
N LYS B 16 3.42 -24.42 3.44
CA LYS B 16 4.46 -24.37 2.42
C LYS B 16 4.07 -23.43 1.27
N ALA B 17 2.80 -23.48 0.88
CA ALA B 17 2.30 -22.64 -0.19
C ALA B 17 2.41 -21.15 0.19
N LEU B 18 2.05 -20.83 1.43
CA LEU B 18 2.15 -19.47 1.93
C LEU B 18 3.57 -18.92 1.86
N ASP B 19 4.53 -19.74 2.29
CA ASP B 19 5.93 -19.31 2.32
C ASP B 19 6.40 -19.00 0.91
N GLU B 20 6.01 -19.84 -0.04
CA GLU B 20 6.44 -19.66 -1.42
C GLU B 20 5.83 -18.39 -2.02
N LEU B 21 4.60 -18.07 -1.62
CA LEU B 21 3.90 -16.93 -2.18
C LEU B 21 4.47 -15.58 -1.71
N LYS B 22 4.91 -15.52 -0.45
CA LYS B 22 5.28 -14.25 0.17
C LYS B 22 6.31 -13.42 -0.60
N PRO B 23 7.41 -14.02 -1.09
CA PRO B 23 8.32 -13.20 -1.88
C PRO B 23 7.64 -12.64 -3.15
N GLU B 24 6.79 -13.44 -3.77
CA GLU B 24 6.12 -13.04 -5.01
C GLU B 24 5.23 -11.82 -4.82
N ILE B 25 4.54 -11.73 -3.70
CA ILE B 25 3.72 -10.57 -3.37
C ILE B 25 4.56 -9.33 -3.15
N GLU B 26 5.72 -9.50 -2.52
CA GLU B 26 6.66 -8.39 -2.34
C GLU B 26 7.16 -7.89 -3.69
N LYS B 27 7.43 -8.83 -4.58
CA LYS B 27 7.87 -8.53 -5.93
C LYS B 27 6.76 -7.77 -6.65
N LEU B 28 5.52 -8.25 -6.49
CA LEU B 28 4.36 -7.66 -7.17
C LEU B 28 4.13 -6.23 -6.69
N THR B 29 4.38 -5.99 -5.41
CA THR B 29 4.12 -4.68 -4.83
C THR B 29 5.39 -3.85 -4.61
N SER B 30 6.50 -4.21 -5.26
CA SER B 30 7.75 -3.44 -5.11
C SER B 30 7.56 -1.94 -5.48
N LYS B 31 6.57 -1.63 -6.31
CA LYS B 31 6.19 -0.23 -6.54
C LYS B 31 4.67 -0.12 -6.65
N SER B 32 4.13 1.09 -6.64
CA SER B 32 2.68 1.27 -6.71
C SER B 32 2.12 0.85 -8.04
N LEU B 33 0.84 0.51 -8.05
CA LEU B 33 0.17 0.19 -9.29
C LEU B 33 0.25 1.37 -10.27
N ASP B 34 0.08 2.60 -9.78
CA ASP B 34 0.08 3.77 -10.67
C ASP B 34 1.46 3.98 -11.28
N GLU B 35 2.52 3.73 -10.54
CA GLU B 35 3.84 3.83 -11.12
C GLU B 35 4.01 2.79 -12.25
N GLN B 36 3.57 1.55 -12.02
CA GLN B 36 3.69 0.51 -13.05
C GLN B 36 2.90 0.86 -14.30
N LEU B 37 1.68 1.37 -14.11
CA LEU B 37 0.84 1.72 -15.26
C LEU B 37 1.38 2.88 -16.07
N LEU B 38 1.91 3.88 -15.39
CA LEU B 38 2.47 5.05 -16.04
C LEU B 38 3.72 4.68 -16.87
N LEU B 39 4.41 3.62 -16.46
CA LEU B 39 5.61 3.13 -17.17
C LEU B 39 5.28 2.30 -18.41
N LEU B 40 4.05 1.86 -18.53
CA LEU B 40 3.62 1.04 -19.66
C LEU B 40 3.09 1.88 -20.79
N SER B 41 3.54 1.58 -22.01
CA SER B 41 2.99 2.22 -23.19
C SER B 41 1.83 1.42 -23.79
N ASP B 42 1.93 0.09 -23.72
CA ASP B 42 0.95 -0.78 -24.37
C ASP B 42 -0.33 -0.94 -23.54
N GLU B 43 -1.47 -0.59 -24.14
CA GLU B 43 -2.75 -0.62 -23.42
C GLU B 43 -3.15 -2.04 -23.02
N ARG B 44 -2.89 -3.02 -23.90
CA ARG B 44 -3.21 -4.40 -23.54
C ARG B 44 -2.39 -4.86 -22.32
N ALA B 45 -1.14 -4.41 -22.21
CA ALA B 45 -0.31 -4.76 -21.05
C ALA B 45 -0.87 -4.11 -19.77
N LYS B 46 -1.43 -2.91 -19.90
CA LYS B 46 -2.06 -2.25 -18.75
C LYS B 46 -3.24 -3.10 -18.26
N LEU B 47 -4.09 -3.53 -19.19
CA LEU B 47 -5.26 -4.36 -18.87
C LEU B 47 -4.85 -5.66 -18.18
N GLU B 48 -3.78 -6.28 -18.67
CA GLU B 48 -3.30 -7.50 -18.07
C GLU B 48 -2.85 -7.27 -16.63
N LEU B 49 -2.15 -6.16 -16.39
CA LEU B 49 -1.65 -5.85 -15.06
C LEU B 49 -2.78 -5.56 -14.09
N ILE B 50 -3.77 -4.78 -14.52
CA ILE B 50 -4.92 -4.44 -13.68
C ILE B 50 -5.73 -5.69 -13.28
N ASN B 51 -6.04 -6.54 -14.26
CA ASN B 51 -6.76 -7.79 -14.02
C ASN B 51 -5.97 -8.75 -13.10
N ARG B 52 -4.65 -8.75 -13.27
CA ARG B 52 -3.75 -9.57 -12.46
C ARG B 52 -3.81 -9.14 -10.98
N TYR B 53 -3.84 -7.83 -10.73
CA TYR B 53 -4.01 -7.30 -9.37
C TYR B 53 -5.34 -7.74 -8.77
N ALA B 54 -6.41 -7.62 -9.56
CA ALA B 54 -7.73 -8.01 -9.09
C ALA B 54 -7.76 -9.53 -8.80
N TYR B 55 -7.09 -10.30 -9.64
CA TYR B 55 -7.06 -11.74 -9.46
C TYR B 55 -6.34 -12.14 -8.16
N VAL B 56 -5.18 -11.54 -7.95
CA VAL B 56 -4.37 -11.87 -6.82
C VAL B 56 -5.05 -11.43 -5.55
N LEU B 57 -5.61 -10.22 -5.55
CA LEU B 57 -6.25 -9.70 -4.35
C LEU B 57 -7.46 -10.54 -3.91
N SER B 58 -8.37 -10.84 -4.85
CA SER B 58 -9.56 -11.59 -4.51
C SER B 58 -9.19 -13.04 -4.12
N SER B 59 -8.13 -13.58 -4.71
CA SER B 59 -7.63 -14.91 -4.31
C SER B 59 -7.15 -14.93 -2.85
N LEU B 60 -6.42 -13.90 -2.44
CA LEU B 60 -5.91 -13.81 -1.06
C LEU B 60 -7.07 -13.73 -0.08
N MET B 61 -8.08 -12.97 -0.47
CA MET B 61 -9.25 -12.78 0.33
C MET B 61 -10.01 -14.11 0.46
N PHE B 62 -10.10 -14.82 -0.65
CA PHE B 62 -10.74 -16.14 -0.65
C PHE B 62 -9.98 -17.08 0.29
N ALA B 63 -8.65 -17.14 0.15
CA ALA B 63 -7.85 -18.05 0.96
C ALA B 63 -7.98 -17.68 2.44
N ASN B 64 -7.99 -16.39 2.74
CA ASN B 64 -8.18 -15.90 4.09
C ASN B 64 -9.51 -16.35 4.69
N MET B 65 -10.57 -16.22 3.91
CA MET B 65 -11.89 -16.54 4.42
C MET B 65 -12.05 -18.06 4.61
N LYS B 66 -11.41 -18.88 3.76
CA LYS B 66 -11.48 -20.33 3.97
C LYS B 66 -10.89 -20.73 5.32
N VAL B 67 -9.70 -20.22 5.60
CA VAL B 67 -8.98 -20.51 6.84
C VAL B 67 -9.70 -19.96 8.08
N LEU B 68 -10.34 -18.79 7.95
CA LEU B 68 -11.14 -18.24 9.04
C LEU B 68 -12.39 -19.10 9.27
N GLY B 69 -12.67 -20.00 8.35
CA GLY B 69 -13.83 -20.86 8.45
C GLY B 69 -15.15 -20.13 8.26
N VAL B 70 -15.17 -19.19 7.34
CA VAL B 70 -16.41 -18.49 7.00
C VAL B 70 -17.42 -19.46 6.35
N LYS B 71 -18.65 -19.39 6.84
CA LYS B 71 -19.73 -20.27 6.41
C LYS B 71 -20.32 -19.83 5.07
N ASP B 72 -20.54 -18.53 4.95
CA ASP B 72 -21.18 -17.94 3.80
C ASP B 72 -20.14 -17.50 2.78
N MET B 73 -19.88 -18.34 1.79
CA MET B 73 -18.80 -18.07 0.84
C MET B 73 -19.28 -17.36 -0.41
N SER B 74 -20.59 -17.22 -0.53
CA SER B 74 -21.21 -16.60 -1.71
C SER B 74 -20.67 -15.21 -2.04
N PRO B 75 -20.45 -14.34 -1.04
CA PRO B 75 -19.94 -13.02 -1.45
C PRO B 75 -18.53 -13.07 -2.08
N ILE B 76 -17.60 -13.81 -1.51
CA ILE B 76 -16.25 -13.85 -2.07
C ILE B 76 -16.22 -14.68 -3.37
N LEU B 77 -17.00 -15.76 -3.47
CA LEU B 77 -17.04 -16.52 -4.71
C LEU B 77 -17.63 -15.63 -5.83
N GLY B 78 -18.47 -14.65 -5.47
CA GLY B 78 -19.00 -13.71 -6.43
C GLY B 78 -17.89 -12.84 -7.02
N GLU B 79 -16.94 -12.42 -6.19
CA GLU B 79 -15.79 -11.64 -6.65
C GLU B 79 -14.90 -12.51 -7.54
N LEU B 80 -14.72 -13.79 -7.19
CA LEU B 80 -13.96 -14.69 -8.07
C LEU B 80 -14.65 -14.89 -9.43
N LYS B 81 -15.98 -15.00 -9.45
CA LYS B 81 -16.72 -15.14 -10.70
C LYS B 81 -16.56 -13.89 -11.56
N ARG B 82 -16.59 -12.73 -10.90
CA ARG B 82 -16.42 -11.44 -11.56
C ARG B 82 -15.05 -11.36 -12.22
N VAL B 83 -14.01 -11.70 -11.47
CA VAL B 83 -12.66 -11.64 -12.00
C VAL B 83 -12.48 -12.59 -13.20
N LYS B 84 -13.03 -13.81 -13.11
CA LYS B 84 -12.95 -14.75 -14.23
C LYS B 84 -13.67 -14.20 -15.47
N SER B 85 -14.83 -13.61 -15.25
CA SER B 85 -15.60 -13.02 -16.34
C SER B 85 -14.79 -11.88 -17.00
N TYR B 86 -14.13 -11.08 -16.20
CA TYR B 86 -13.32 -9.99 -16.74
C TYR B 86 -12.14 -10.54 -17.54
N MET B 87 -11.51 -11.60 -17.05
CA MET B 87 -10.41 -12.21 -17.78
C MET B 87 -10.84 -12.85 -19.09
N ASP B 88 -12.06 -13.38 -19.15
CA ASP B 88 -12.59 -13.93 -20.39
C ASP B 88 -12.88 -12.84 -21.40
N LYS B 89 -13.30 -11.67 -20.93
CA LYS B 89 -13.53 -10.50 -21.79
C LYS B 89 -12.24 -10.12 -22.49
N ALA B 90 -11.14 -10.14 -21.73
CA ALA B 90 -9.81 -9.85 -22.26
C ALA B 90 -9.34 -10.92 -23.27
N LYS B 91 -9.63 -12.19 -22.99
CA LYS B 91 -9.28 -13.28 -23.89
C LYS B 91 -10.02 -13.12 -25.21
N GLN B 92 -11.27 -12.70 -25.13
CA GLN B 92 -12.04 -12.54 -26.34
C GLN B 92 -11.46 -11.42 -27.21
N TYR B 93 -10.94 -10.36 -26.60
CA TYR B 93 -10.24 -9.34 -27.38
C TYR B 93 -8.99 -9.96 -28.01
N ASP B 94 -8.27 -10.77 -27.25
CA ASP B 94 -7.07 -11.44 -27.75
C ASP B 94 -7.38 -12.36 -28.92
N ASN B 95 -8.50 -13.11 -28.83
CA ASN B 95 -8.89 -14.01 -29.92
C ASN B 95 -9.13 -13.23 -31.18
N ARG B 96 -9.74 -12.06 -31.06
CA ARG B 96 -9.98 -11.22 -32.22
C ARG B 96 -8.64 -10.75 -32.84
N ILE B 97 -7.69 -10.37 -32.00
CA ILE B 97 -6.38 -9.95 -32.47
C ILE B 97 -5.67 -11.11 -33.15
N THR B 98 -5.76 -12.29 -32.52
CA THR B 98 -5.12 -13.49 -33.05
C THR B 98 -5.64 -13.80 -34.44
N LYS B 99 -6.95 -13.67 -34.63
CA LYS B 99 -7.56 -13.97 -35.92
C LYS B 99 -6.94 -13.11 -37.01
N SER B 100 -6.67 -11.84 -36.71
CA SER B 100 -6.14 -10.95 -37.73
C SER B 100 -4.62 -11.11 -37.88
N ASN B 101 -3.97 -11.57 -36.83
CA ASN B 101 -2.58 -11.99 -36.92
C ASN B 101 -2.40 -13.16 -37.87
N GLU B 102 -3.21 -14.20 -37.66
CA GLU B 102 -3.13 -15.39 -38.49
C GLU B 102 -3.37 -15.04 -39.95
N LYS B 103 -4.36 -14.20 -40.19
CA LYS B 103 -4.67 -13.75 -41.54
C LYS B 103 -3.47 -13.03 -42.16
N SER B 104 -2.75 -12.28 -41.33
CA SER B 104 -1.59 -11.56 -41.81
C SER B 104 -0.46 -12.55 -42.10
N GLN B 105 -0.24 -13.49 -41.19
CA GLN B 105 0.75 -14.57 -41.41
C GLN B 105 0.44 -15.37 -42.67
N ALA B 106 -0.84 -15.56 -42.96
CA ALA B 106 -1.25 -16.35 -44.12
C ALA B 106 -0.85 -15.67 -45.41
N GLU B 107 -1.10 -14.37 -45.47
CA GLU B 107 -0.75 -13.57 -46.64
C GLU B 107 0.76 -13.58 -46.89
N GLN B 108 1.53 -13.43 -45.82
CA GLN B 108 2.99 -13.38 -45.91
C GLN B 108 3.57 -14.71 -46.35
N GLU B 109 2.98 -15.80 -45.89
CA GLU B 109 3.38 -17.14 -46.31
C GLU B 109 3.05 -17.35 -47.79
N LYS B 110 1.93 -16.76 -48.20
CA LYS B 110 1.52 -16.80 -49.61
C LYS B 110 2.53 -16.08 -50.48
N ALA B 111 2.92 -14.88 -50.03
CA ALA B 111 3.86 -14.05 -50.75
C ALA B 111 5.21 -14.75 -50.96
N LYS B 112 5.74 -15.30 -49.87
CA LYS B 112 7.01 -16.01 -49.91
C LYS B 112 6.96 -17.19 -50.87
N ASN B 113 5.85 -17.92 -50.86
CA ASN B 113 5.66 -19.03 -51.79
C ASN B 113 5.62 -18.55 -53.24
N ILE B 114 4.92 -17.44 -53.50
CA ILE B 114 4.88 -16.87 -54.85
C ILE B 114 6.30 -16.61 -55.36
N ILE B 115 7.08 -15.89 -54.55
CA ILE B 115 8.46 -15.58 -54.88
C ILE B 115 9.29 -16.84 -55.15
N SER B 116 9.29 -17.74 -54.18
CA SER B 116 10.06 -18.98 -54.26
C SER B 116 9.63 -19.89 -55.41
N ASN B 117 8.33 -20.07 -55.55
CA ASN B 117 7.79 -21.01 -56.54
C ASN B 117 8.01 -20.61 -58.01
N VAL B 118 7.47 -19.46 -58.40
CA VAL B 118 7.51 -19.02 -59.80
C VAL B 118 8.95 -18.96 -60.32
N LEU B 119 9.85 -18.45 -59.49
CA LEU B 119 11.26 -18.38 -59.85
C LEU B 119 11.85 -19.79 -60.07
N ASP B 120 11.27 -20.77 -59.39
CA ASP B 120 11.66 -22.16 -59.54
C ASP B 120 10.98 -22.77 -60.77
N ASP C 11 -28.40 26.50 -10.25
CA ASP C 11 -28.18 25.27 -9.53
C ASP C 11 -27.91 25.56 -8.07
N VAL C 12 -28.81 25.11 -7.21
CA VAL C 12 -28.76 25.45 -5.81
C VAL C 12 -27.51 24.92 -5.10
N LEU C 13 -27.16 23.66 -5.35
CA LEU C 13 -25.99 23.04 -4.72
C LEU C 13 -24.71 23.77 -5.06
N LEU C 14 -24.51 24.07 -6.34
CA LEU C 14 -23.31 24.76 -6.78
C LEU C 14 -23.17 26.15 -6.17
N SER C 15 -24.28 26.87 -6.03
CA SER C 15 -24.26 28.17 -5.39
C SER C 15 -23.90 28.04 -3.90
N ARG C 16 -24.42 27.02 -3.23
CA ARG C 16 -24.14 26.87 -1.80
C ARG C 16 -22.69 26.48 -1.58
N VAL C 17 -22.14 25.67 -2.47
CA VAL C 17 -20.73 25.28 -2.40
C VAL C 17 -19.81 26.48 -2.59
N ILE C 18 -20.08 27.29 -3.61
CA ILE C 18 -19.28 28.48 -3.90
C ILE C 18 -19.36 29.49 -2.75
N ASN C 19 -20.54 29.64 -2.17
CA ASN C 19 -20.70 30.57 -1.05
C ASN C 19 -19.84 30.15 0.14
N VAL C 20 -19.79 28.85 0.41
CA VAL C 20 -18.95 28.32 1.48
C VAL C 20 -17.46 28.50 1.16
N VAL C 21 -17.08 28.20 -0.07
CA VAL C 21 -15.69 28.33 -0.48
C VAL C 21 -15.22 29.80 -0.40
N ARG C 22 -16.04 30.71 -0.90
CA ARG C 22 -15.66 32.12 -0.87
C ARG C 22 -15.63 32.66 0.56
N ALA C 23 -16.62 32.30 1.38
CA ALA C 23 -16.67 32.75 2.76
C ALA C 23 -15.51 32.20 3.59
N ALA C 24 -15.15 30.93 3.35
CA ALA C 24 -14.02 30.35 4.04
C ALA C 24 -12.74 31.07 3.66
N SER C 25 -12.59 31.34 2.37
CA SER C 25 -11.43 32.07 1.89
C SER C 25 -11.37 33.50 2.42
N SER C 26 -12.52 34.17 2.48
CA SER C 26 -12.57 35.54 2.99
C SER C 26 -12.16 35.61 4.45
N LEU C 27 -12.71 34.71 5.26
CA LEU C 27 -12.39 34.66 6.69
C LEU C 27 -10.90 34.45 6.89
N ALA C 28 -10.33 33.50 6.18
CA ALA C 28 -8.94 33.13 6.37
C ALA C 28 -7.95 34.19 5.89
N SER C 29 -8.39 35.07 5.01
CA SER C 29 -7.54 36.15 4.49
C SER C 29 -7.46 37.29 5.52
N GLN C 30 -8.39 37.31 6.46
CA GLN C 30 -8.28 38.21 7.59
C GLN C 30 -7.19 37.71 8.53
N ASP C 31 -6.95 38.44 9.62
CA ASP C 31 -5.92 38.07 10.57
C ASP C 31 -6.52 37.10 11.59
N VAL C 32 -6.80 35.89 11.14
CA VAL C 32 -7.42 34.87 11.97
C VAL C 32 -6.53 34.39 13.12
N ASP C 33 -5.23 34.33 12.87
CA ASP C 33 -4.26 33.83 13.85
C ASP C 33 -4.29 34.67 15.14
N PHE C 34 -4.44 35.98 14.95
CA PHE C 34 -4.50 36.95 16.04
C PHE C 34 -5.66 36.60 16.99
N TYR C 35 -6.83 36.32 16.42
CA TYR C 35 -7.98 35.90 17.22
C TYR C 35 -7.86 34.47 17.75
N LYS C 36 -7.27 33.58 16.95
CA LYS C 36 -7.07 32.18 17.35
C LYS C 36 -6.18 32.03 18.58
N ASN C 37 -5.07 32.75 18.59
CA ASN C 37 -4.14 32.69 19.72
C ASN C 37 -4.68 33.33 21.00
N LEU C 38 -5.35 34.47 20.85
CA LEU C 38 -5.88 35.23 21.98
C LEU C 38 -7.17 34.69 22.59
N ASP C 39 -8.05 34.12 21.78
CA ASP C 39 -9.41 33.84 22.19
C ASP C 39 -9.73 32.36 21.95
N ARG C 40 -9.96 31.65 23.06
CA ARG C 40 -10.19 30.20 23.04
C ARG C 40 -11.54 29.86 22.36
N GLY C 41 -12.56 30.66 22.66
CA GLY C 41 -13.88 30.44 22.12
C GLY C 41 -13.90 30.55 20.60
N PHE C 42 -13.23 31.57 20.10
CA PHE C 42 -13.09 31.79 18.67
C PHE C 42 -12.44 30.55 18.06
N SER C 43 -11.34 30.16 18.69
CA SER C 43 -10.54 29.04 18.23
C SER C 43 -11.34 27.75 18.21
N LYS C 44 -12.12 27.51 19.26
CA LYS C 44 -12.93 26.30 19.32
C LYS C 44 -14.07 26.36 18.32
N ASP C 45 -14.59 27.55 18.07
CA ASP C 45 -15.70 27.66 17.14
C ASP C 45 -15.26 27.36 15.71
N LEU C 46 -14.08 27.85 15.32
CA LEU C 46 -13.54 27.57 14.00
C LEU C 46 -13.24 26.09 13.81
N LYS C 47 -12.68 25.48 14.85
CA LYS C 47 -12.38 24.06 14.78
C LYS C 47 -13.68 23.26 14.65
N SER C 48 -14.73 23.74 15.29
CA SER C 48 -16.04 23.11 15.16
C SER C 48 -16.55 23.25 13.73
N LYS C 49 -16.28 24.37 13.06
CA LYS C 49 -16.72 24.58 11.68
C LYS C 49 -15.96 23.70 10.71
N ALA C 50 -14.64 23.69 10.82
CA ALA C 50 -13.79 22.80 10.05
C ALA C 50 -14.25 21.36 10.18
N ASP C 51 -14.62 20.96 11.40
CA ASP C 51 -15.06 19.60 11.64
C ASP C 51 -16.38 19.30 10.94
N LYS C 52 -17.23 20.32 10.82
CA LYS C 52 -18.47 20.18 10.07
C LYS C 52 -18.14 19.94 8.60
N LEU C 53 -17.16 20.67 8.08
CA LEU C 53 -16.70 20.50 6.70
C LEU C 53 -16.13 19.08 6.47
N ALA C 54 -15.26 18.64 7.37
CA ALA C 54 -14.72 17.29 7.29
C ALA C 54 -15.84 16.24 7.31
N ASP C 55 -16.88 16.47 8.11
CA ASP C 55 -17.97 15.52 8.19
C ASP C 55 -18.72 15.45 6.86
N MET C 56 -18.93 16.59 6.23
CA MET C 56 -19.61 16.64 4.94
C MET C 56 -18.78 15.94 3.85
N ALA C 57 -17.47 16.14 3.89
CA ALA C 57 -16.58 15.46 2.97
C ALA C 57 -16.64 13.94 3.16
N ASN C 58 -16.63 13.52 4.41
CA ASN C 58 -16.72 12.09 4.72
C ASN C 58 -18.05 11.47 4.32
N GLU C 59 -19.12 12.25 4.42
CA GLU C 59 -20.44 11.83 3.94
C GLU C 59 -20.37 11.52 2.44
N ILE C 60 -19.70 12.39 1.70
CA ILE C 60 -19.57 12.22 0.27
C ILE C 60 -18.67 11.02 -0.05
N ILE C 61 -17.59 10.89 0.72
CA ILE C 61 -16.69 9.78 0.53
C ILE C 61 -17.43 8.44 0.76
N LEU C 62 -18.31 8.39 1.76
CA LEU C 62 -19.11 7.18 2.04
C LEU C 62 -20.15 6.89 0.95
N SER C 63 -20.65 7.95 0.30
CA SER C 63 -21.53 7.83 -0.86
C SER C 63 -20.84 7.18 -2.06
N ILE C 64 -19.53 7.40 -2.17
CA ILE C 64 -18.74 6.88 -3.26
C ILE C 64 -18.22 5.46 -2.93
N ASP C 65 -17.69 5.28 -1.72
CA ASP C 65 -17.23 3.97 -1.29
C ASP C 65 -18.37 3.29 -0.53
N GLU C 66 -19.39 2.84 -1.24
CA GLU C 66 -20.65 2.48 -0.60
C GLU C 66 -20.63 1.13 0.11
N HIS C 67 -19.51 0.40 0.05
CA HIS C 67 -19.42 -0.87 0.78
C HIS C 67 -19.25 -0.65 2.29
N HIS C 68 -20.27 -1.02 3.06
CA HIS C 68 -20.27 -0.85 4.51
C HIS C 68 -21.12 -1.93 5.18
N GLU C 69 -20.68 -3.17 5.04
CA GLU C 69 -21.41 -4.33 5.53
C GLU C 69 -20.91 -4.73 6.93
N ASP C 77 -2.24 14.09 11.48
CA ASP C 77 -3.33 14.83 12.11
C ASP C 77 -4.60 14.83 11.25
N ILE C 78 -4.58 15.58 10.14
CA ILE C 78 -5.65 15.47 9.15
C ILE C 78 -5.27 14.41 8.11
N SER C 79 -4.25 13.62 8.45
CA SER C 79 -3.63 12.72 7.49
C SER C 79 -4.61 11.74 6.84
N ASP C 80 -5.43 11.08 7.65
CA ASP C 80 -6.39 10.10 7.15
C ASP C 80 -7.38 10.68 6.14
N LEU C 81 -8.01 11.81 6.49
CA LEU C 81 -8.96 12.44 5.58
C LEU C 81 -8.25 12.90 4.31
N TRP C 82 -7.06 13.47 4.46
CA TRP C 82 -6.32 13.94 3.29
C TRP C 82 -5.93 12.78 2.37
N ASN C 83 -5.45 11.68 2.94
CA ASN C 83 -5.06 10.52 2.15
C ASN C 83 -6.27 9.84 1.49
N ASN C 84 -7.38 9.74 2.22
CA ASN C 84 -8.61 9.18 1.66
C ASN C 84 -9.05 10.02 0.49
N PHE C 85 -9.04 11.34 0.71
CA PHE C 85 -9.49 12.31 -0.27
C PHE C 85 -8.69 12.14 -1.55
N GLY C 86 -7.38 11.98 -1.41
CA GLY C 86 -6.54 11.82 -2.57
C GLY C 86 -6.85 10.56 -3.36
N ASN C 87 -7.03 9.43 -2.68
CA ASN C 87 -7.38 8.20 -3.38
C ASN C 87 -8.75 8.28 -4.05
N ILE C 88 -9.73 8.84 -3.35
CA ILE C 88 -11.08 9.00 -3.87
C ILE C 88 -11.13 9.91 -5.10
N MET C 89 -10.36 11.00 -5.08
CA MET C 89 -10.30 11.89 -6.25
C MET C 89 -9.75 11.13 -7.47
N ASP C 90 -8.71 10.31 -7.26
CA ASP C 90 -8.20 9.47 -8.33
C ASP C 90 -9.25 8.50 -8.85
N ASN C 91 -10.08 7.95 -7.97
CA ASN C 91 -11.15 7.05 -8.39
C ASN C 91 -12.23 7.79 -9.22
N LEU C 92 -12.62 8.96 -8.76
CA LEU C 92 -13.65 9.75 -9.43
C LEU C 92 -13.25 10.16 -10.84
N LEU C 93 -12.02 10.65 -10.96
CA LEU C 93 -11.54 11.18 -12.22
C LEU C 93 -11.17 10.03 -13.15
N GLU C 94 -10.98 8.85 -12.59
CA GLU C 94 -10.86 7.66 -13.43
C GLU C 94 -12.22 7.34 -14.07
N MET C 95 -13.28 7.36 -13.28
CA MET C 95 -14.63 7.19 -13.82
C MET C 95 -14.94 8.29 -14.86
N SER C 96 -14.52 9.51 -14.56
CA SER C 96 -14.73 10.64 -15.45
C SER C 96 -14.03 10.46 -16.81
N ASP C 97 -12.77 10.07 -16.78
CA ASP C 97 -12.04 9.80 -17.99
C ASP C 97 -12.67 8.65 -18.80
N HIS C 98 -13.17 7.63 -18.10
CA HIS C 98 -13.79 6.47 -18.75
C HIS C 98 -15.03 6.92 -19.53
N SER C 99 -15.86 7.70 -18.87
CA SER C 99 -17.07 8.24 -19.42
C SER C 99 -16.81 9.18 -20.63
N LEU C 100 -15.84 10.08 -20.50
CA LEU C 100 -15.55 11.00 -21.60
C LEU C 100 -14.94 10.27 -22.78
N ASP C 101 -14.10 9.26 -22.50
CA ASP C 101 -13.50 8.46 -23.56
C ASP C 101 -14.59 7.73 -24.35
N LYS C 102 -15.64 7.28 -23.66
CA LYS C 102 -16.74 6.62 -24.34
C LYS C 102 -17.54 7.57 -25.21
N LEU C 103 -17.77 8.78 -24.71
CA LEU C 103 -18.45 9.83 -25.46
C LEU C 103 -17.65 10.22 -26.71
N ASN C 104 -16.35 10.40 -26.55
CA ASN C 104 -15.51 10.74 -27.67
C ASN C 104 -15.42 9.62 -28.70
N CYS C 105 -15.39 8.38 -28.23
CA CYS C 105 -15.38 7.23 -29.10
C CYS C 105 -16.64 7.17 -29.97
N ALA C 106 -17.79 7.42 -29.37
CA ALA C 106 -19.06 7.37 -30.08
C ALA C 106 -19.14 8.50 -31.11
N ILE C 107 -18.79 9.72 -30.71
CA ILE C 107 -18.89 10.85 -31.63
C ILE C 107 -17.88 10.72 -32.77
N ASN C 108 -16.71 10.15 -32.51
CA ASN C 108 -15.70 9.94 -33.57
C ASN C 108 -16.08 8.80 -34.50
N SER C 109 -16.90 7.88 -34.02
CA SER C 109 -17.40 6.77 -34.82
C SER C 109 -18.56 7.22 -35.72
N LYS C 110 -19.40 8.10 -35.19
CA LYS C 110 -20.54 8.69 -35.91
C LYS C 110 -20.12 9.29 -37.24
N GLU D 5 -11.40 46.86 11.31
CA GLU D 5 -12.12 45.87 10.51
C GLU D 5 -12.52 44.69 11.39
N LYS D 6 -13.78 44.68 11.83
CA LYS D 6 -14.32 43.62 12.67
C LYS D 6 -14.31 42.21 12.02
N ILE D 7 -13.80 41.24 12.76
CA ILE D 7 -13.74 39.85 12.30
C ILE D 7 -15.11 39.17 12.24
N LYS D 8 -16.02 39.58 13.12
CA LYS D 8 -17.29 38.87 13.34
C LYS D 8 -18.19 38.73 12.10
N PRO D 9 -18.29 39.78 11.25
CA PRO D 9 -19.11 39.58 10.06
C PRO D 9 -18.59 38.45 9.16
N TYR D 10 -17.28 38.26 9.10
CA TYR D 10 -16.70 37.18 8.31
C TYR D 10 -17.08 35.81 8.87
N VAL D 11 -17.07 35.69 10.19
CA VAL D 11 -17.48 34.46 10.83
C VAL D 11 -18.97 34.19 10.61
N ARG D 12 -19.77 35.26 10.66
CA ARG D 12 -21.21 35.14 10.45
C ARG D 12 -21.51 34.65 9.04
N SER D 13 -20.81 35.24 8.08
CA SER D 13 -21.00 34.93 6.68
C SER D 13 -20.64 33.47 6.40
N PHE D 14 -19.52 33.04 6.96
CA PHE D 14 -19.09 31.67 6.79
C PHE D 14 -20.06 30.70 7.43
N SER D 15 -20.47 31.01 8.64
CA SER D 15 -21.35 30.13 9.40
C SER D 15 -22.71 29.94 8.72
N LYS D 16 -23.25 31.02 8.19
CA LYS D 16 -24.53 30.99 7.50
C LYS D 16 -24.40 30.16 6.21
N ALA D 17 -23.27 30.32 5.52
CA ALA D 17 -23.01 29.55 4.31
C ALA D 17 -22.95 28.06 4.63
N LEU D 18 -22.28 27.71 5.72
CA LEU D 18 -22.22 26.33 6.16
C LEU D 18 -23.61 25.76 6.40
N ASP D 19 -24.45 26.56 7.07
CA ASP D 19 -25.80 26.11 7.42
C ASP D 19 -26.62 25.82 6.18
N GLU D 20 -26.49 26.69 5.17
CA GLU D 20 -27.21 26.55 3.91
C GLU D 20 -26.76 25.33 3.11
N LEU D 21 -25.48 24.98 3.21
CA LEU D 21 -24.92 23.88 2.44
C LEU D 21 -25.38 22.51 2.94
N LYS D 22 -25.58 22.37 4.26
CA LYS D 22 -25.83 21.05 4.84
C LYS D 22 -27.02 20.28 4.26
N PRO D 23 -28.19 20.94 4.05
CA PRO D 23 -29.28 20.18 3.46
C PRO D 23 -28.90 19.70 2.07
N GLU D 24 -28.19 20.53 1.32
CA GLU D 24 -27.81 20.18 -0.03
C GLU D 24 -26.87 18.98 -0.12
N ILE D 25 -25.94 18.85 0.81
CA ILE D 25 -25.05 17.69 0.87
C ILE D 25 -25.84 16.42 1.25
N GLU D 26 -26.82 16.57 2.14
CA GLU D 26 -27.67 15.44 2.51
C GLU D 26 -28.46 14.93 1.30
N LYS D 27 -29.00 15.86 0.52
CA LYS D 27 -29.72 15.56 -0.71
C LYS D 27 -28.80 14.89 -1.73
N LEU D 28 -27.59 15.43 -1.87
CA LEU D 28 -26.61 14.94 -2.84
C LEU D 28 -26.20 13.50 -2.53
N THR D 29 -26.09 13.22 -1.24
CA THR D 29 -25.67 11.88 -0.81
C THR D 29 -26.83 11.02 -0.29
N SER D 30 -28.07 11.41 -0.62
CA SER D 30 -29.22 10.61 -0.18
C SER D 30 -29.09 9.17 -0.68
N LYS D 31 -28.34 8.94 -1.76
CA LYS D 31 -28.03 7.56 -2.15
C LYS D 31 -26.60 7.47 -2.66
N SER D 32 -26.13 6.25 -2.89
CA SER D 32 -24.74 6.05 -3.34
C SER D 32 -24.55 6.56 -4.75
N LEU D 33 -23.31 6.94 -5.05
CA LEU D 33 -22.96 7.36 -6.40
C LEU D 33 -23.26 6.24 -7.39
N ASP D 34 -22.97 4.99 -7.01
CA ASP D 34 -23.21 3.88 -7.91
C ASP D 34 -24.70 3.66 -8.20
N GLU D 35 -25.54 3.84 -7.21
CA GLU D 35 -26.98 3.72 -7.46
C GLU D 35 -27.43 4.82 -8.43
N GLN D 36 -26.97 6.05 -8.21
CA GLN D 36 -27.33 7.15 -9.09
C GLN D 36 -26.87 6.91 -10.53
N LEU D 37 -25.66 6.39 -10.71
CA LEU D 37 -25.18 6.13 -12.05
C LEU D 37 -25.92 4.99 -12.75
N LEU D 38 -26.23 3.95 -11.99
CA LEU D 38 -26.95 2.79 -12.52
C LEU D 38 -28.38 3.20 -12.96
N LEU D 39 -28.93 4.26 -12.36
CA LEU D 39 -30.24 4.78 -12.79
C LEU D 39 -30.20 5.65 -14.05
N LEU D 40 -29.02 6.13 -14.43
CA LEU D 40 -28.89 7.00 -15.60
C LEU D 40 -28.63 6.20 -16.87
N SER D 41 -29.36 6.53 -17.93
CA SER D 41 -29.12 5.97 -19.26
C SER D 41 -28.15 6.82 -20.07
N ASP D 42 -28.20 8.13 -19.87
CA ASP D 42 -27.40 9.07 -20.67
C ASP D 42 -25.96 9.18 -20.18
N GLU D 43 -25.01 8.89 -21.06
CA GLU D 43 -23.59 8.91 -20.69
C GLU D 43 -23.07 10.29 -20.35
N ARG D 44 -23.51 11.33 -21.06
CA ARG D 44 -23.11 12.70 -20.74
C ARG D 44 -23.58 13.08 -19.34
N ALA D 45 -24.77 12.59 -18.95
CA ALA D 45 -25.31 12.85 -17.62
C ALA D 45 -24.50 12.16 -16.53
N LYS D 46 -23.98 10.98 -16.83
CA LYS D 46 -23.11 10.27 -15.90
C LYS D 46 -21.84 11.09 -15.66
N LEU D 47 -21.24 11.59 -16.74
CA LEU D 47 -20.03 12.39 -16.66
C LEU D 47 -20.25 13.66 -15.81
N GLU D 48 -21.39 14.29 -16.00
CA GLU D 48 -21.72 15.50 -15.26
C GLU D 48 -21.82 15.23 -13.76
N LEU D 49 -22.44 14.10 -13.42
CA LEU D 49 -22.62 13.72 -12.02
C LEU D 49 -21.29 13.37 -11.36
N ILE D 50 -20.44 12.65 -12.08
CA ILE D 50 -19.14 12.27 -11.56
C ILE D 50 -18.28 13.53 -11.31
N ASN D 51 -18.23 14.43 -12.28
CA ASN D 51 -17.48 15.68 -12.18
C ASN D 51 -18.01 16.56 -11.05
N ARG D 52 -19.33 16.54 -10.89
CA ARG D 52 -20.00 17.31 -9.86
C ARG D 52 -19.55 16.81 -8.48
N TYR D 53 -19.47 15.50 -8.32
CA TYR D 53 -18.99 14.91 -7.08
C TYR D 53 -17.54 15.34 -6.77
N ALA D 54 -16.66 15.29 -7.77
CA ALA D 54 -15.26 15.68 -7.60
C ALA D 54 -15.18 17.15 -7.25
N TYR D 55 -16.04 17.95 -7.85
CA TYR D 55 -16.05 19.37 -7.60
C TYR D 55 -16.46 19.69 -6.16
N VAL D 56 -17.54 19.07 -5.71
CA VAL D 56 -18.07 19.32 -4.38
C VAL D 56 -17.10 18.79 -3.31
N LEU D 57 -16.57 17.60 -3.52
CA LEU D 57 -15.64 17.04 -2.53
C LEU D 57 -14.35 17.90 -2.38
N SER D 58 -13.72 18.27 -3.50
CA SER D 58 -12.49 19.04 -3.43
C SER D 58 -12.76 20.48 -2.90
N SER D 59 -13.93 21.03 -3.20
CA SER D 59 -14.34 22.32 -2.63
C SER D 59 -14.50 22.26 -1.11
N LEU D 60 -15.08 21.19 -0.59
CA LEU D 60 -15.24 21.01 0.85
C LEU D 60 -13.89 20.89 1.51
N MET D 61 -13.00 20.17 0.84
CA MET D 61 -11.67 19.91 1.34
C MET D 61 -10.90 21.24 1.41
N PHE D 62 -11.08 22.05 0.37
CA PHE D 62 -10.46 23.37 0.34
C PHE D 62 -10.96 24.23 1.51
N ALA D 63 -12.28 24.28 1.71
CA ALA D 63 -12.83 25.13 2.76
C ALA D 63 -12.34 24.66 4.13
N ASN D 64 -12.28 23.35 4.32
CA ASN D 64 -11.77 22.77 5.55
C ASN D 64 -10.33 23.23 5.82
N MET D 65 -9.51 23.17 4.79
CA MET D 65 -8.11 23.52 4.94
C MET D 65 -7.88 25.02 5.17
N LYS D 66 -8.72 25.89 4.59
CA LYS D 66 -8.62 27.33 4.87
C LYS D 66 -8.90 27.66 6.34
N VAL D 67 -9.98 27.10 6.85
CA VAL D 67 -10.41 27.34 8.24
C VAL D 67 -9.39 26.80 9.26
N LEU D 68 -8.79 25.65 8.96
CA LEU D 68 -7.74 25.08 9.80
C LEU D 68 -6.46 25.92 9.72
N GLY D 69 -6.41 26.81 8.75
CA GLY D 69 -5.26 27.68 8.53
C GLY D 69 -4.03 26.97 8.01
N VAL D 70 -4.23 26.01 7.11
CA VAL D 70 -3.10 25.35 6.47
C VAL D 70 -2.36 26.37 5.59
N LYS D 71 -1.04 26.39 5.75
CA LYS D 71 -0.17 27.35 5.06
C LYS D 71 0.12 26.92 3.63
N ASP D 72 0.38 25.63 3.45
CA ASP D 72 0.77 25.06 2.16
C ASP D 72 -0.49 24.62 1.41
N MET D 73 -0.98 25.51 0.56
CA MET D 73 -2.23 25.29 -0.13
C MET D 73 -2.06 24.71 -1.53
N SER D 74 -0.82 24.54 -1.96
CA SER D 74 -0.55 24.01 -3.29
C SER D 74 -1.20 22.65 -3.57
N PRO D 75 -1.13 21.71 -2.61
CA PRO D 75 -1.73 20.40 -2.95
C PRO D 75 -3.25 20.48 -3.17
N ILE D 76 -3.97 21.20 -2.33
CA ILE D 76 -5.40 21.29 -2.53
C ILE D 76 -5.75 22.17 -3.75
N LEU D 77 -4.98 23.24 -3.99
CA LEU D 77 -5.22 24.08 -5.16
C LEU D 77 -4.93 23.29 -6.43
N GLY D 78 -4.01 22.33 -6.35
CA GLY D 78 -3.69 21.47 -7.47
C GLY D 78 -4.88 20.59 -7.84
N GLU D 79 -5.60 20.10 -6.83
CA GLU D 79 -6.81 19.31 -7.05
C GLU D 79 -7.92 20.17 -7.65
N LEU D 80 -8.06 21.41 -7.19
CA LEU D 80 -9.06 22.30 -7.78
C LEU D 80 -8.77 22.60 -9.26
N LYS D 81 -7.50 22.76 -9.61
CA LYS D 81 -7.11 22.99 -11.00
C LYS D 81 -7.45 21.78 -11.84
N ARG D 82 -7.21 20.61 -11.26
CA ARG D 82 -7.49 19.35 -11.93
C ARG D 82 -8.98 19.26 -12.26
N VAL D 83 -9.81 19.55 -11.27
CA VAL D 83 -11.24 19.50 -11.44
C VAL D 83 -11.67 20.50 -12.51
N LYS D 84 -11.07 21.70 -12.48
CA LYS D 84 -11.40 22.69 -13.49
C LYS D 84 -11.02 22.19 -14.88
N SER D 85 -9.85 21.56 -15.00
CA SER D 85 -9.42 21.03 -16.28
C SER D 85 -10.38 19.94 -16.78
N TYR D 86 -10.83 19.08 -15.88
CA TYR D 86 -11.78 18.04 -16.26
C TYR D 86 -13.10 18.65 -16.72
N MET D 87 -13.57 19.67 -16.01
CA MET D 87 -14.82 20.32 -16.42
C MET D 87 -14.69 21.04 -17.75
N ASP D 88 -13.51 21.58 -18.06
CA ASP D 88 -13.32 22.20 -19.37
C ASP D 88 -13.30 21.15 -20.46
N LYS D 89 -12.76 19.96 -20.17
CA LYS D 89 -12.78 18.85 -21.13
C LYS D 89 -14.21 18.49 -21.52
N ALA D 90 -15.11 18.42 -20.55
CA ALA D 90 -16.52 18.13 -20.79
C ALA D 90 -17.20 19.22 -21.61
N LYS D 91 -16.88 20.48 -21.30
CA LYS D 91 -17.44 21.60 -22.06
C LYS D 91 -17.01 21.54 -23.52
N GLN D 92 -15.77 21.16 -23.75
CA GLN D 92 -15.31 21.10 -25.13
C GLN D 92 -16.05 20.02 -25.91
N TYR D 93 -16.37 18.90 -25.25
CA TYR D 93 -17.21 17.91 -25.90
C TYR D 93 -18.57 18.53 -26.21
N ASP D 94 -19.11 19.29 -25.25
CA ASP D 94 -20.39 19.92 -25.45
C ASP D 94 -20.34 20.89 -26.62
N ASN D 95 -19.28 21.68 -26.69
CA ASN D 95 -19.15 22.65 -27.78
C ASN D 95 -19.09 21.91 -29.11
N ARG D 96 -18.43 20.77 -29.13
CA ARG D 96 -18.35 19.97 -30.34
C ARG D 96 -19.73 19.47 -30.77
N ILE D 97 -20.52 19.00 -29.82
CA ILE D 97 -21.85 18.49 -30.11
C ILE D 97 -22.70 19.61 -30.67
N THR D 98 -22.59 20.79 -30.05
CA THR D 98 -23.37 21.94 -30.50
C THR D 98 -23.06 22.26 -31.97
N LYS D 99 -21.77 22.29 -32.31
CA LYS D 99 -21.32 22.51 -33.69
C LYS D 99 -21.86 21.44 -34.66
N SER D 100 -21.94 20.20 -34.18
CA SER D 100 -22.44 19.06 -34.99
C SER D 100 -23.93 19.11 -35.27
N ASN D 101 -24.73 19.51 -34.27
CA ASN D 101 -26.18 19.56 -34.40
C ASN D 101 -26.61 20.55 -35.47
N GLU D 102 -25.94 21.70 -35.50
CA GLU D 102 -26.19 22.71 -36.52
C GLU D 102 -25.59 22.29 -37.86
N ASN E 9 18.56 6.26 6.85
CA ASN E 9 18.02 5.24 7.74
C ASN E 9 18.99 4.14 8.26
N PRO E 10 20.31 4.21 7.97
CA PRO E 10 21.09 3.16 8.66
C PRO E 10 21.14 3.43 10.16
N ASP E 11 21.04 4.70 10.54
CA ASP E 11 21.00 5.09 11.94
C ASP E 11 19.72 4.57 12.60
N VAL E 12 18.72 4.27 11.78
CA VAL E 12 17.43 3.80 12.30
C VAL E 12 17.51 2.45 13.01
N LEU E 13 18.33 1.54 12.49
CA LEU E 13 18.52 0.23 13.13
C LEU E 13 19.15 0.38 14.50
N LEU E 14 20.31 1.04 14.54
CA LEU E 14 21.06 1.24 15.78
C LEU E 14 20.25 2.06 16.78
N SER E 15 19.53 3.06 16.28
CA SER E 15 18.60 3.85 17.10
C SER E 15 17.62 2.92 17.80
N ARG E 16 16.99 2.06 17.01
CA ARG E 16 16.02 1.09 17.52
C ARG E 16 16.70 0.19 18.54
N VAL E 17 17.92 -0.24 18.22
CA VAL E 17 18.68 -1.12 19.11
C VAL E 17 18.98 -0.42 20.42
N ILE E 18 19.45 0.83 20.32
CA ILE E 18 19.78 1.61 21.51
C ILE E 18 18.56 1.85 22.39
N ASN E 19 17.46 2.29 21.78
CA ASN E 19 16.24 2.62 22.52
C ASN E 19 15.67 1.45 23.31
N VAL E 20 15.71 0.26 22.71
CA VAL E 20 15.30 -0.97 23.39
C VAL E 20 16.10 -1.16 24.68
N VAL E 21 17.42 -0.99 24.56
CA VAL E 21 18.33 -1.13 25.70
C VAL E 21 18.01 -0.13 26.80
N ARG E 22 17.90 1.14 26.41
CA ARG E 22 17.57 2.23 27.34
C ARG E 22 16.29 1.92 28.11
N ALA E 23 15.29 1.44 27.38
CA ALA E 23 14.03 1.01 27.96
C ALA E 23 14.27 -0.12 28.96
N ALA E 24 14.99 -1.15 28.51
CA ALA E 24 15.29 -2.32 29.32
C ALA E 24 15.96 -1.96 30.66
N SER E 25 17.03 -1.16 30.58
CA SER E 25 17.79 -0.75 31.76
C SER E 25 16.93 0.03 32.76
N SER E 26 16.02 0.86 32.24
CA SER E 26 15.12 1.64 33.09
C SER E 26 14.14 0.74 33.83
N LEU E 27 13.52 -0.20 33.11
CA LEU E 27 12.58 -1.14 33.70
C LEU E 27 13.26 -1.95 34.79
N ALA E 28 14.46 -2.44 34.49
CA ALA E 28 15.24 -3.22 35.44
C ALA E 28 15.53 -2.40 36.71
N SER E 29 15.70 -1.09 36.54
CA SER E 29 15.94 -0.19 37.67
C SER E 29 14.70 -0.05 38.53
N GLN E 30 13.53 -0.24 37.93
CA GLN E 30 12.27 -0.13 38.66
C GLN E 30 12.02 -1.34 39.55
N LEU E 46 5.78 -9.26 29.56
CA LEU E 46 6.54 -9.82 30.68
C LEU E 46 7.37 -11.01 30.21
N LYS E 47 6.82 -12.21 30.38
CA LYS E 47 7.38 -13.41 29.78
C LYS E 47 7.38 -13.22 28.26
N SER E 48 6.34 -12.54 27.78
CA SER E 48 6.21 -12.16 26.38
C SER E 48 7.44 -11.39 25.90
N LYS E 49 7.76 -10.31 26.61
CA LYS E 49 8.85 -9.42 26.23
C LYS E 49 10.20 -10.16 26.16
N ALA E 50 10.44 -11.01 27.14
CA ALA E 50 11.68 -11.80 27.19
C ALA E 50 11.75 -12.80 26.03
N ASP E 51 10.64 -13.49 25.77
CA ASP E 51 10.57 -14.45 24.67
C ASP E 51 10.76 -13.75 23.33
N LYS E 52 10.27 -12.52 23.23
CA LYS E 52 10.34 -11.76 21.99
C LYS E 52 11.78 -11.31 21.69
N LEU E 53 12.44 -10.74 22.70
CA LEU E 53 13.83 -10.31 22.56
C LEU E 53 14.73 -11.50 22.17
N ALA E 54 14.59 -12.60 22.90
CA ALA E 54 15.29 -13.85 22.60
C ALA E 54 15.06 -14.29 21.16
N ASP E 55 13.82 -14.14 20.70
CA ASP E 55 13.43 -14.54 19.34
C ASP E 55 14.24 -13.82 18.26
N MET E 56 14.23 -12.49 18.30
CA MET E 56 14.98 -11.69 17.34
C MET E 56 16.47 -12.04 17.39
N ALA E 57 17.00 -12.09 18.60
CA ALA E 57 18.39 -12.47 18.83
C ALA E 57 18.70 -13.82 18.18
N ASN E 58 17.79 -14.78 18.33
CA ASN E 58 17.97 -16.09 17.73
C ASN E 58 17.92 -16.07 16.21
N GLU E 59 17.16 -15.13 15.66
CA GLU E 59 17.12 -14.94 14.22
C GLU E 59 18.49 -14.58 13.72
N ILE E 60 19.13 -13.66 14.43
CA ILE E 60 20.48 -13.25 14.10
C ILE E 60 21.39 -14.46 14.20
N ILE E 61 21.25 -15.20 15.29
CA ILE E 61 22.00 -16.44 15.47
C ILE E 61 21.69 -17.38 14.30
N LEU E 62 20.42 -17.41 13.89
CA LEU E 62 20.00 -18.19 12.74
C LEU E 62 20.63 -17.69 11.42
N SER E 63 20.68 -16.38 11.24
CA SER E 63 21.18 -15.81 10.00
C SER E 63 22.68 -16.03 9.87
N ILE E 64 23.37 -16.10 11.01
CA ILE E 64 24.82 -16.31 11.00
C ILE E 64 25.14 -17.76 10.67
N ASP E 65 24.24 -18.66 11.04
CA ASP E 65 24.36 -20.07 10.65
C ASP E 65 23.00 -20.71 10.41
N TRP E 82 27.40 -19.04 28.31
CA TRP E 82 27.93 -17.88 27.59
C TRP E 82 29.13 -18.29 26.75
N ASN E 83 29.59 -19.52 26.95
CA ASN E 83 30.70 -20.05 26.17
C ASN E 83 30.31 -20.12 24.69
N ASN E 84 29.05 -20.47 24.43
CA ASN E 84 28.52 -20.54 23.06
C ASN E 84 28.49 -19.15 22.38
N PHE E 85 27.76 -18.23 23.00
CA PHE E 85 27.65 -16.85 22.53
C PHE E 85 29.03 -16.23 22.35
N GLY E 86 29.96 -16.63 23.20
CA GLY E 86 31.35 -16.24 23.04
C GLY E 86 31.89 -16.70 21.72
N ASN E 87 31.64 -17.97 21.39
CA ASN E 87 32.13 -18.54 20.13
C ASN E 87 31.53 -17.87 18.89
N ILE E 88 30.25 -17.53 18.94
CA ILE E 88 29.61 -16.81 17.83
C ILE E 88 30.25 -15.44 17.62
N MET E 89 30.31 -14.65 18.69
CA MET E 89 30.99 -13.35 18.65
C MET E 89 32.44 -13.46 18.19
N ASP E 90 33.11 -14.55 18.57
CA ASP E 90 34.48 -14.78 18.14
C ASP E 90 34.57 -15.02 16.64
N ASN E 91 33.60 -15.76 16.12
CA ASN E 91 33.56 -16.06 14.69
C ASN E 91 33.32 -14.78 13.89
N LEU E 92 32.35 -13.99 14.33
CA LEU E 92 32.04 -12.72 13.69
C LEU E 92 33.22 -11.76 13.65
N LEU E 93 33.88 -11.61 14.80
CA LEU E 93 34.94 -10.62 14.93
C LEU E 93 36.22 -11.07 14.23
N GLU E 94 36.30 -12.36 13.91
CA GLU E 94 37.42 -12.86 13.12
C GLU E 94 37.25 -12.42 11.66
N MET E 95 36.04 -12.60 11.15
CA MET E 95 35.66 -12.12 9.81
C MET E 95 35.91 -10.61 9.67
N SER E 96 35.39 -9.86 10.64
CA SER E 96 35.64 -8.44 10.73
C SER E 96 37.14 -8.14 10.69
N ASP E 97 37.92 -8.94 11.39
CA ASP E 97 39.36 -8.76 11.44
C ASP E 97 39.97 -8.99 10.07
N HIS E 98 39.51 -10.04 9.41
CA HIS E 98 39.98 -10.39 8.07
C HIS E 98 39.63 -9.31 7.05
N SER E 99 38.39 -8.81 7.09
CA SER E 99 37.97 -7.75 6.18
C SER E 99 38.85 -6.52 6.32
N LEU E 100 39.04 -6.06 7.56
CA LEU E 100 39.78 -4.84 7.80
C LEU E 100 41.25 -4.98 7.37
N ASP E 101 41.76 -6.22 7.40
CA ASP E 101 43.12 -6.48 6.95
C ASP E 101 43.25 -6.28 5.45
N LYS E 102 42.33 -6.84 4.69
CA LYS E 102 42.34 -6.67 3.24
C LYS E 102 42.27 -5.20 2.87
N LEU E 103 41.47 -4.45 3.62
CA LEU E 103 41.34 -3.00 3.43
C LEU E 103 42.67 -2.27 3.64
N ASN E 104 43.31 -2.52 4.78
CA ASN E 104 44.56 -1.86 5.11
C ASN E 104 45.70 -2.30 4.18
N CYS E 105 45.67 -3.56 3.75
CA CYS E 105 46.65 -4.06 2.82
C CYS E 105 46.62 -3.22 1.55
N ALA E 106 45.42 -3.03 1.04
CA ALA E 106 45.20 -2.23 -0.16
C ALA E 106 45.55 -0.75 0.04
N ILE E 107 45.23 -0.21 1.21
CA ILE E 107 45.50 1.20 1.47
C ILE E 107 47.00 1.45 1.48
N ASN E 108 47.75 0.49 2.02
CA ASN E 108 49.20 0.63 2.15
C ASN E 108 50.00 0.14 0.95
N SER E 109 49.32 -0.45 -0.02
CA SER E 109 49.98 -1.02 -1.18
C SER E 109 50.44 0.07 -2.15
N TYR F 10 5.80 2.49 31.95
CA TYR F 10 7.17 2.24 31.48
C TYR F 10 7.28 0.85 30.81
N VAL F 11 6.54 -0.12 31.33
CA VAL F 11 6.54 -1.48 30.77
C VAL F 11 5.97 -1.42 29.35
N ARG F 12 4.99 -0.54 29.16
CA ARG F 12 4.39 -0.32 27.85
C ARG F 12 5.48 0.16 26.89
N SER F 13 6.35 1.03 27.37
CA SER F 13 7.44 1.59 26.57
C SER F 13 8.42 0.50 26.11
N PHE F 14 8.76 -0.41 27.02
CA PHE F 14 9.66 -1.51 26.69
C PHE F 14 9.06 -2.38 25.59
N SER F 15 7.78 -2.71 25.75
CA SER F 15 7.09 -3.54 24.76
C SER F 15 7.06 -2.82 23.42
N LYS F 16 6.82 -1.50 23.47
CA LYS F 16 6.73 -0.67 22.26
C LYS F 16 8.07 -0.61 21.51
N ALA F 17 9.18 -0.51 22.25
CA ALA F 17 10.50 -0.52 21.63
C ALA F 17 10.74 -1.88 20.96
N LEU F 18 10.38 -2.93 21.66
CA LEU F 18 10.50 -4.29 21.16
C LEU F 18 9.67 -4.42 19.89
N ASP F 19 8.47 -3.86 19.93
CA ASP F 19 7.54 -3.92 18.81
C ASP F 19 8.09 -3.18 17.59
N GLU F 20 8.72 -2.03 17.84
CA GLU F 20 9.31 -1.22 16.77
C GLU F 20 10.57 -1.84 16.15
N LEU F 21 11.37 -2.54 16.96
CA LEU F 21 12.62 -3.14 16.50
C LEU F 21 12.38 -4.34 15.61
N LYS F 22 11.28 -5.05 15.84
CA LYS F 22 11.02 -6.34 15.19
C LYS F 22 11.15 -6.32 13.67
N PRO F 23 10.60 -5.29 12.97
CA PRO F 23 10.81 -5.25 11.51
C PRO F 23 12.29 -5.12 11.10
N GLU F 24 13.05 -4.28 11.81
CA GLU F 24 14.46 -4.05 11.45
C GLU F 24 15.28 -5.34 11.51
N ILE F 25 15.00 -6.19 12.50
CA ILE F 25 15.67 -7.48 12.61
C ILE F 25 15.24 -8.40 11.47
N GLU F 26 13.96 -8.31 11.09
CA GLU F 26 13.45 -9.08 9.96
C GLU F 26 14.18 -8.63 8.70
N LYS F 27 14.37 -7.31 8.59
CA LYS F 27 15.11 -6.72 7.49
C LYS F 27 16.56 -7.19 7.50
N LEU F 28 17.15 -7.16 8.69
CA LEU F 28 18.57 -7.44 8.89
C LEU F 28 18.92 -8.88 8.54
N THR F 29 18.01 -9.79 8.84
CA THR F 29 18.23 -11.21 8.63
C THR F 29 17.46 -11.78 7.44
N SER F 30 16.97 -10.91 6.55
CA SER F 30 16.13 -11.34 5.42
C SER F 30 16.78 -12.45 4.58
N LYS F 31 18.10 -12.53 4.64
CA LYS F 31 18.84 -13.64 4.05
C LYS F 31 19.98 -14.00 5.01
N SER F 32 20.69 -15.08 4.73
CA SER F 32 21.81 -15.50 5.58
C SER F 32 22.92 -14.46 5.49
N LEU F 33 23.76 -14.39 6.51
CA LEU F 33 24.88 -13.45 6.48
C LEU F 33 25.79 -13.77 5.28
N ASP F 34 26.00 -15.05 5.05
CA ASP F 34 26.89 -15.51 3.99
C ASP F 34 26.38 -15.12 2.61
N GLU F 35 25.07 -15.20 2.41
CA GLU F 35 24.47 -14.79 1.14
C GLU F 35 24.65 -13.29 0.94
N GLN F 36 24.42 -12.52 1.99
CA GLN F 36 24.53 -11.06 1.95
C GLN F 36 25.95 -10.61 1.63
N LEU F 37 26.94 -11.30 2.17
CA LEU F 37 28.33 -10.94 1.92
C LEU F 37 28.66 -11.13 0.44
N LEU F 38 28.09 -12.16 -0.17
CA LEU F 38 28.27 -12.40 -1.61
C LEU F 38 27.65 -11.31 -2.48
N LEU F 39 26.61 -10.66 -1.98
CA LEU F 39 25.94 -9.58 -2.71
C LEU F 39 26.76 -8.31 -2.70
N LEU F 40 27.65 -8.20 -1.73
CA LEU F 40 28.48 -7.01 -1.62
C LEU F 40 29.79 -7.26 -2.34
N SER F 41 30.13 -6.37 -3.25
CA SER F 41 31.39 -6.46 -3.98
C SER F 41 32.48 -5.76 -3.18
N ASP F 42 32.06 -4.72 -2.48
CA ASP F 42 32.93 -3.80 -1.75
C ASP F 42 33.32 -4.34 -0.36
N GLU F 43 34.62 -4.41 -0.08
CA GLU F 43 35.10 -4.98 1.18
C GLU F 43 34.70 -4.15 2.40
N ARG F 44 34.71 -2.83 2.27
CA ARG F 44 34.29 -1.96 3.37
C ARG F 44 32.83 -2.18 3.72
N ALA F 45 32.01 -2.46 2.71
CA ALA F 45 30.59 -2.75 2.94
C ALA F 45 30.41 -4.08 3.66
N LYS F 46 31.28 -5.04 3.35
CA LYS F 46 31.30 -6.33 4.00
C LYS F 46 31.60 -6.16 5.48
N LEU F 47 32.62 -5.37 5.77
CA LEU F 47 33.02 -5.09 7.14
C LEU F 47 31.89 -4.42 7.91
N GLU F 48 31.22 -3.47 7.27
CA GLU F 48 30.13 -2.73 7.89
C GLU F 48 28.99 -3.67 8.26
N LEU F 49 28.68 -4.62 7.38
CA LEU F 49 27.61 -5.56 7.66
C LEU F 49 27.98 -6.50 8.80
N ILE F 50 29.22 -6.99 8.78
CA ILE F 50 29.73 -7.90 9.80
C ILE F 50 29.74 -7.22 11.17
N ASN F 51 30.27 -6.02 11.23
CA ASN F 51 30.31 -5.26 12.48
C ASN F 51 28.90 -5.01 13.00
N ARG F 52 27.99 -4.76 12.08
CA ARG F 52 26.59 -4.51 12.40
C ARG F 52 25.95 -5.72 13.05
N TYR F 53 26.26 -6.89 12.51
CA TYR F 53 25.76 -8.13 13.07
C TYR F 53 26.29 -8.29 14.51
N ALA F 54 27.58 -8.03 14.66
CA ALA F 54 28.22 -8.15 15.98
C ALA F 54 27.66 -7.15 16.97
N TYR F 55 27.38 -5.93 16.53
CA TYR F 55 26.85 -4.90 17.43
C TYR F 55 25.46 -5.26 17.94
N VAL F 56 24.59 -5.64 17.02
CA VAL F 56 23.18 -5.89 17.33
C VAL F 56 23.03 -7.11 18.22
N LEU F 57 23.77 -8.17 17.91
CA LEU F 57 23.69 -9.39 18.69
C LEU F 57 24.15 -9.16 20.14
N SER F 58 25.32 -8.57 20.30
CA SER F 58 25.88 -8.34 21.61
C SER F 58 25.06 -7.34 22.41
N SER F 59 24.52 -6.33 21.72
CA SER F 59 23.67 -5.34 22.38
C SER F 59 22.39 -5.98 22.89
N LEU F 60 21.78 -6.81 22.06
CA LEU F 60 20.56 -7.50 22.43
C LEU F 60 20.82 -8.44 23.60
N MET F 61 21.99 -9.08 23.59
CA MET F 61 22.34 -9.97 24.70
C MET F 61 22.44 -9.20 26.01
N PHE F 62 23.01 -8.01 25.95
CA PHE F 62 23.12 -7.16 27.13
C PHE F 62 21.74 -6.79 27.62
N ALA F 63 20.90 -6.30 26.70
CA ALA F 63 19.56 -5.85 27.04
C ALA F 63 18.70 -7.02 27.54
N ASN F 64 18.88 -8.17 26.92
CA ASN F 64 18.16 -9.39 27.30
C ASN F 64 18.49 -9.76 28.75
N MET F 65 19.78 -9.69 29.09
CA MET F 65 20.23 -10.08 30.43
C MET F 65 19.88 -9.06 31.53
N LYS F 66 19.85 -7.78 31.18
CA LYS F 66 19.44 -6.73 32.11
C LYS F 66 17.99 -6.97 32.53
N VAL F 67 17.16 -7.30 31.56
CA VAL F 67 15.75 -7.58 31.84
C VAL F 67 15.65 -8.82 32.73
N LEU F 68 16.52 -9.81 32.47
CA LEU F 68 16.57 -11.00 33.31
C LEU F 68 17.14 -10.71 34.70
N GLY F 69 17.78 -9.55 34.84
CA GLY F 69 18.35 -9.15 36.12
C GLY F 69 19.50 -10.06 36.51
N VAL F 70 20.29 -10.48 35.52
CA VAL F 70 21.46 -11.31 35.75
C VAL F 70 22.52 -10.46 36.46
N LYS F 71 23.15 -11.02 37.49
CA LYS F 71 24.07 -10.23 38.32
C LYS F 71 25.46 -9.94 37.72
N ASP F 72 26.11 -10.94 37.14
CA ASP F 72 27.48 -10.76 36.66
C ASP F 72 27.53 -10.40 35.18
N MET F 73 27.68 -9.11 34.89
CA MET F 73 27.64 -8.62 33.52
C MET F 73 29.04 -8.50 32.94
N SER F 74 30.04 -8.83 33.75
CA SER F 74 31.44 -8.77 33.34
C SER F 74 31.72 -9.54 32.02
N PRO F 75 31.10 -10.73 31.81
CA PRO F 75 31.36 -11.43 30.55
C PRO F 75 30.91 -10.66 29.29
N ILE F 76 29.73 -10.06 29.33
CA ILE F 76 29.22 -9.29 28.19
C ILE F 76 29.97 -7.97 27.99
N LEU F 77 30.33 -7.32 29.08
CA LEU F 77 31.00 -6.03 29.01
C LEU F 77 32.35 -6.11 28.29
N GLY F 78 32.97 -7.28 28.32
CA GLY F 78 34.21 -7.50 27.59
C GLY F 78 33.98 -7.51 26.09
N GLU F 79 32.90 -8.17 25.67
CA GLU F 79 32.53 -8.29 24.26
C GLU F 79 32.17 -6.95 23.63
N LEU F 80 31.43 -6.13 24.38
CA LEU F 80 31.02 -4.82 23.92
C LEU F 80 32.21 -3.89 23.69
N LYS F 81 33.21 -3.97 24.56
CA LYS F 81 34.44 -3.18 24.37
C LYS F 81 35.17 -3.61 23.11
N ARG F 82 35.17 -4.92 22.89
CA ARG F 82 35.78 -5.52 21.72
C ARG F 82 35.07 -5.01 20.45
N VAL F 83 33.75 -5.04 20.48
CA VAL F 83 32.94 -4.61 19.35
C VAL F 83 33.15 -3.11 19.07
N LYS F 84 33.21 -2.31 20.13
CA LYS F 84 33.45 -0.88 19.97
C LYS F 84 34.83 -0.60 19.37
N SER F 85 35.83 -1.36 19.79
CA SER F 85 37.18 -1.17 19.27
C SER F 85 37.19 -1.42 17.76
N TYR F 86 36.51 -2.49 17.34
CA TYR F 86 36.43 -2.85 15.94
C TYR F 86 35.69 -1.79 15.12
N MET F 87 34.62 -1.27 15.68
CA MET F 87 33.86 -0.21 15.02
C MET F 87 34.62 1.09 14.97
N ASP F 88 35.39 1.37 16.01
CA ASP F 88 36.21 2.57 16.04
C ASP F 88 37.31 2.48 15.01
N LYS F 89 37.86 1.28 14.85
CA LYS F 89 38.89 1.04 13.85
C LYS F 89 38.30 1.30 12.47
N ALA F 90 37.06 0.84 12.27
CA ALA F 90 36.39 1.04 10.98
C ALA F 90 36.18 2.52 10.70
N LYS F 91 35.80 3.27 11.73
CA LYS F 91 35.63 4.71 11.59
C LYS F 91 36.98 5.33 11.25
N GLN F 92 38.02 4.82 11.90
CA GLN F 92 39.37 5.33 11.70
C GLN F 92 39.88 5.07 10.28
N TYR F 93 39.54 3.90 9.74
CA TYR F 93 39.89 3.59 8.36
C TYR F 93 39.24 4.53 7.37
N ASP F 94 37.97 4.83 7.63
CA ASP F 94 37.18 5.70 6.76
C ASP F 94 37.81 7.09 6.68
N ASN F 95 38.21 7.61 7.84
CA ASN F 95 38.89 8.91 7.90
C ASN F 95 40.19 8.85 7.13
N ARG F 96 40.88 7.72 7.25
CA ARG F 96 42.18 7.51 6.60
C ARG F 96 42.03 7.60 5.08
N ILE F 97 40.96 7.03 4.53
CA ILE F 97 40.70 7.12 3.10
C ILE F 97 40.48 8.59 2.71
N THR F 98 39.66 9.28 3.51
CA THR F 98 39.28 10.66 3.25
C THR F 98 40.49 11.59 3.24
N LYS F 99 41.33 11.47 4.26
CA LYS F 99 42.56 12.26 4.36
C LYS F 99 43.49 11.98 3.18
N SER F 100 43.49 10.73 2.71
CA SER F 100 44.34 10.32 1.60
C SER F 100 43.89 11.00 0.31
N ASN F 101 42.57 11.05 0.11
CA ASN F 101 42.00 11.67 -1.08
C ASN F 101 42.23 13.20 -1.05
N GLU F 102 42.09 13.78 0.13
CA GLU F 102 42.30 15.21 0.32
C GLU F 102 43.77 15.59 0.21
S SO4 G . -2.34 -25.49 -13.09
O1 SO4 G . -2.05 -24.91 -14.40
O2 SO4 G . -2.68 -24.39 -12.17
O3 SO4 G . -3.45 -26.43 -13.19
O4 SO4 G . -1.16 -26.24 -12.62
S SO4 H . -11.02 -6.90 -37.02
O1 SO4 H . -9.60 -6.88 -36.67
O2 SO4 H . -11.57 -5.55 -36.98
O3 SO4 H . -11.74 -7.77 -36.09
O4 SO4 H . -11.19 -7.43 -38.38
S SO4 I . -21.32 33.48 -9.18
O1 SO4 I . -20.20 34.35 -9.53
O2 SO4 I . -22.28 34.24 -8.37
O3 SO4 I . -21.97 32.99 -10.40
O4 SO4 I . -20.85 32.32 -8.42
S SO4 J . -18.35 16.02 -35.32
O1 SO4 J . -17.51 16.54 -34.24
O2 SO4 J . -18.67 17.12 -36.23
O3 SO4 J . -19.60 15.48 -34.77
O4 SO4 J . -17.64 14.95 -36.02
#